data_4KS4
#
_entry.id   4KS4
#
_cell.length_a   90.680
_cell.length_b   90.680
_cell.length_c   107.998
_cell.angle_alpha   90.00
_cell.angle_beta   90.00
_cell.angle_gamma   90.00
#
_symmetry.space_group_name_H-M   'I 4'
#
loop_
_entity.id
_entity.type
_entity.pdbx_description
1 polymer Neuraminidase
2 non-polymer '(3S,4R,5R)-4-(acetylamino)-3-{4-[(1R)-1-hydroxypropyl]-1H-1,2,3-triazol-1-yl}-5-(pentan-3-yloxy)cyclohex-1-ene-1-carboxylic acid'
3 non-polymer 'CALCIUM ION'
4 water water
#
_entity_poly.entity_id   1
_entity_poly.type   'polypeptide(L)'
_entity_poly.pdbx_seq_one_letter_code
;TYMNNTEAICDVKGFAPFSKDNGIRIGSRGHIFVIREPFVSCSPIECRTFFLTQGSLLNDKHSNGTVKDRSPFRTLMSVK
VGQSPNVYQARFEAVAWSATACHDGKKWMTVGVTGPDSKAVAVIHYGGVPTDVINSWAGDILRTQESSCTCIQGDCYWVM
TDGPANRQAQYRIYKANQGRIIGQADISFNGGHIEECSCYPNDGKVECVCRDNWTGTNRPVLVISPDLSYRVGYLCAGIP
SDTPRGEDAQFTGSCTSPMGNQGYGVKGFGFRQGTDVWMGRTISRTSRSGFEILRIKNGWTQTSKEQVRKQVVVDNLNWS
GYSGSFTLPVELSGKDCLVPCFWVEMIRGKPEEKTIWTSSSSIVMCGVDYEIADWSWHDGAILPFDIDKM
;
_entity_poly.pdbx_strand_id   A
#
loop_
_chem_comp.id
_chem_comp.type
_chem_comp.name
_chem_comp.formula
1SN non-polymer '(3S,4R,5R)-4-(acetylamino)-3-{4-[(1R)-1-hydroxypropyl]-1H-1,2,3-triazol-1-yl}-5-(pentan-3-yloxy)cyclohex-1-ene-1-carboxylic acid' 'C19 H30 N4 O5'
CA non-polymer 'CALCIUM ION' 'Ca 2'
#
# COMPACT_ATOMS: atom_id res chain seq x y z
N THR A 1 2.45 25.26 -7.61
CA THR A 1 1.03 25.04 -7.94
C THR A 1 0.47 23.70 -7.46
N TYR A 2 -0.64 23.77 -6.71
CA TYR A 2 -1.36 22.60 -6.26
C TYR A 2 -1.89 21.73 -7.40
N MET A 3 -1.78 20.42 -7.21
CA MET A 3 -2.30 19.43 -8.14
C MET A 3 -3.81 19.37 -7.93
N ASN A 4 -4.59 19.49 -8.99
CA ASN A 4 -6.06 19.39 -8.87
C ASN A 4 -6.48 18.03 -8.31
N ASN A 5 -6.24 16.97 -9.07
CA ASN A 5 -6.61 15.60 -8.70
C ASN A 5 -8.09 15.44 -8.36
N THR A 6 -8.93 16.15 -9.10
CA THR A 6 -10.37 16.04 -8.92
C THR A 6 -10.97 15.14 -9.98
N GLU A 7 -10.22 14.91 -11.06
CA GLU A 7 -10.68 14.12 -12.21
C GLU A 7 -11.07 12.69 -11.78
N ALA A 8 -11.79 11.98 -12.64
CA ALA A 8 -12.17 10.61 -12.33
C ALA A 8 -11.02 9.64 -12.59
N ILE A 9 -11.00 8.52 -11.88
CA ILE A 9 -10.07 7.43 -12.20
C ILE A 9 -10.39 6.95 -13.61
N CYS A 10 -9.36 6.77 -14.46
CA CYS A 10 -9.54 6.25 -15.82
C CYS A 10 -10.12 4.83 -15.82
N ASP A 11 -10.98 4.53 -16.80
CA ASP A 11 -11.42 3.16 -16.99
C ASP A 11 -10.40 2.41 -17.83
N VAL A 12 -9.96 1.26 -17.37
CA VAL A 12 -8.83 0.55 -18.00
C VAL A 12 -9.08 -0.95 -18.20
N LYS A 13 -8.63 -1.48 -19.33
CA LYS A 13 -8.79 -2.90 -19.64
C LYS A 13 -7.58 -3.74 -19.24
N GLY A 14 -6.54 -3.11 -18.74
CA GLY A 14 -5.36 -3.85 -18.35
C GLY A 14 -4.25 -2.97 -17.81
N PHE A 15 -3.19 -3.62 -17.36
CA PHE A 15 -2.08 -2.91 -16.73
C PHE A 15 -0.74 -3.21 -17.41
N ALA A 16 -0.03 -2.15 -17.75
CA ALA A 16 1.29 -2.29 -18.37
C ALA A 16 2.35 -2.23 -17.28
N PRO A 17 3.46 -2.94 -17.48
CA PRO A 17 4.64 -2.76 -16.62
C PRO A 17 5.18 -1.32 -16.62
N PHE A 18 5.27 -0.72 -15.43
CA PHE A 18 5.87 0.60 -15.27
C PHE A 18 7.35 0.35 -15.02
N SER A 19 7.68 -0.26 -13.89
CA SER A 19 9.06 -0.45 -13.50
C SER A 19 9.36 -1.78 -12.82
N LYS A 20 10.64 -2.10 -12.69
CA LYS A 20 11.04 -3.22 -11.86
C LYS A 20 12.45 -2.98 -11.34
N ASP A 21 12.61 -2.98 -10.02
CA ASP A 21 13.83 -2.50 -9.38
C ASP A 21 14.93 -3.53 -9.22
N ASN A 22 14.56 -4.82 -9.14
CA ASN A 22 15.54 -5.91 -9.01
C ASN A 22 16.50 -5.73 -7.84
N GLY A 23 16.05 -5.01 -6.81
CA GLY A 23 16.91 -4.63 -5.71
C GLY A 23 17.75 -5.75 -5.13
N ILE A 24 17.16 -6.94 -5.07
CA ILE A 24 17.78 -8.04 -4.35
C ILE A 24 18.82 -8.79 -5.20
N ARG A 25 18.55 -8.91 -6.50
CA ARG A 25 19.56 -9.44 -7.41
C ARG A 25 20.74 -8.47 -7.33
N ILE A 26 20.43 -7.19 -7.48
CA ILE A 26 21.44 -6.13 -7.43
C ILE A 26 22.13 -6.17 -6.07
N GLY A 27 21.32 -6.38 -5.03
CA GLY A 27 21.81 -6.41 -3.66
C GLY A 27 22.86 -7.48 -3.38
N SER A 28 22.99 -8.44 -4.27
CA SER A 28 23.90 -9.55 -4.07
C SER A 28 25.35 -9.08 -3.92
N ARG A 29 25.71 -8.03 -4.67
CA ARG A 29 27.08 -7.53 -4.68
C ARG A 29 27.12 -6.03 -4.38
N GLY A 30 26.08 -5.31 -4.79
CA GLY A 30 26.00 -3.88 -4.55
C GLY A 30 25.50 -3.55 -3.16
N HIS A 31 25.29 -2.26 -2.92
CA HIS A 31 24.99 -1.74 -1.59
C HIS A 31 23.54 -1.30 -1.48
N ILE A 32 22.72 -2.21 -1.01
CA ILE A 32 21.28 -2.04 -1.09
C ILE A 32 20.68 -2.25 0.27
N PHE A 33 19.76 -1.38 0.63
CA PHE A 33 19.09 -1.49 1.91
C PHE A 33 18.24 -2.76 1.98
N VAL A 34 18.31 -3.43 3.14
CA VAL A 34 17.32 -4.45 3.46
C VAL A 34 16.06 -3.68 3.78
N ILE A 35 15.03 -3.82 2.95
CA ILE A 35 13.83 -3.01 3.09
C ILE A 35 12.60 -3.85 3.32
N ARG A 36 11.50 -3.14 3.53
CA ARG A 36 10.23 -3.77 3.74
C ARG A 36 9.16 -2.72 3.51
N GLU A 37 8.04 -3.16 2.91
CA GLU A 37 6.90 -2.30 2.61
C GLU A 37 7.22 -1.13 1.68
N PRO A 38 7.72 -1.42 0.47
CA PRO A 38 7.94 -0.29 -0.42
C PRO A 38 6.63 0.15 -1.02
N PHE A 39 6.53 1.42 -1.39
CA PHE A 39 5.33 1.90 -2.08
C PHE A 39 5.63 3.09 -2.98
N VAL A 40 4.70 3.41 -3.86
CA VAL A 40 4.95 4.42 -4.88
C VAL A 40 3.96 5.56 -4.75
N SER A 41 4.43 6.79 -4.93
CA SER A 41 3.56 7.96 -4.98
C SER A 41 4.19 8.94 -5.96
N CYS A 42 3.39 9.82 -6.56
CA CYS A 42 3.94 10.67 -7.62
C CYS A 42 3.80 12.17 -7.38
N SER A 43 4.87 12.88 -7.74
CA SER A 43 4.85 14.34 -7.76
C SER A 43 4.39 14.72 -9.15
N PRO A 44 4.23 16.02 -9.41
CA PRO A 44 3.93 16.36 -10.81
C PRO A 44 5.16 16.34 -11.74
N ILE A 45 6.21 15.63 -11.37
CA ILE A 45 7.47 15.66 -12.12
C ILE A 45 8.10 14.28 -12.26
N GLU A 46 8.01 13.49 -11.20
CA GLU A 46 8.61 12.16 -11.16
C GLU A 46 7.83 11.33 -10.14
N CYS A 47 7.92 10.01 -10.25
CA CYS A 47 7.31 9.13 -9.27
C CYS A 47 8.41 8.50 -8.43
N ARG A 48 8.13 8.22 -7.17
CA ARG A 48 9.15 7.65 -6.30
C ARG A 48 8.71 6.39 -5.57
N THR A 49 9.67 5.51 -5.31
CA THR A 49 9.48 4.38 -4.41
C THR A 49 9.90 4.76 -2.98
N PHE A 50 8.98 4.70 -2.04
CA PHE A 50 9.35 4.93 -0.63
C PHE A 50 9.51 3.57 0.05
N PHE A 51 10.32 3.49 1.09
CA PHE A 51 10.48 2.23 1.80
C PHE A 51 10.89 2.40 3.26
N LEU A 52 10.92 1.30 3.99
CA LEU A 52 11.39 1.31 5.35
C LEU A 52 12.66 0.49 5.45
N THR A 53 13.68 1.08 6.05
CA THR A 53 14.94 0.38 6.25
C THR A 53 15.25 0.05 7.70
N GLN A 54 16.03 -1.00 7.86
CA GLN A 54 16.59 -1.42 9.14
C GLN A 54 17.85 -0.57 9.40
N GLY A 55 18.27 0.13 8.36
CA GLY A 55 19.56 0.78 8.35
C GLY A 55 20.64 -0.19 7.89
N SER A 56 20.27 -1.44 7.64
CA SER A 56 21.24 -2.45 7.26
C SER A 56 21.26 -2.70 5.74
N LEU A 57 22.35 -3.29 5.25
CA LEU A 57 22.49 -3.63 3.84
C LEU A 57 22.40 -5.14 3.59
N LEU A 58 21.90 -5.50 2.42
CA LEU A 58 21.89 -6.90 1.99
C LEU A 58 23.30 -7.48 2.05
N ASN A 59 23.39 -8.74 2.46
CA ASN A 59 24.66 -9.46 2.62
C ASN A 59 25.55 -8.93 3.73
N ASP A 60 24.97 -8.16 4.64
CA ASP A 60 25.73 -7.70 5.80
C ASP A 60 25.15 -8.25 7.11
N LYS A 61 26.02 -8.49 8.08
CA LYS A 61 25.64 -9.07 9.37
C LYS A 61 24.50 -8.32 10.06
N HIS A 62 24.30 -7.05 9.71
CA HIS A 62 23.25 -6.26 10.32
C HIS A 62 21.90 -6.55 9.70
N SER A 63 21.88 -7.41 8.68
CA SER A 63 20.63 -7.84 8.08
C SER A 63 20.07 -9.03 8.83
N ASN A 64 20.79 -9.48 9.87
CA ASN A 64 20.25 -10.45 10.81
C ASN A 64 18.89 -9.97 11.29
N GLY A 65 17.85 -10.74 10.99
CA GLY A 65 16.49 -10.29 11.18
C GLY A 65 15.91 -10.57 12.55
N THR A 66 16.81 -10.71 13.53
CA THR A 66 16.41 -10.81 14.92
C THR A 66 16.21 -9.36 15.37
N VAL A 67 16.67 -8.43 14.54
CA VAL A 67 16.42 -7.01 14.72
C VAL A 67 14.91 -6.80 14.54
N LYS A 68 14.24 -6.34 15.59
CA LYS A 68 12.76 -6.31 15.62
C LYS A 68 12.08 -5.48 14.51
N ASP A 69 10.76 -5.52 14.49
CA ASP A 69 10.03 -4.82 13.44
C ASP A 69 9.97 -3.33 13.69
N ARG A 70 9.29 -2.94 14.77
CA ARG A 70 9.21 -1.53 15.16
C ARG A 70 10.43 -1.09 15.97
N SER A 71 11.60 -1.07 15.30
CA SER A 71 12.89 -0.76 15.96
C SER A 71 13.26 0.73 15.87
N PRO A 72 14.11 1.21 16.78
CA PRO A 72 14.49 2.62 16.74
C PRO A 72 15.30 3.00 15.50
N PHE A 73 15.92 2.02 14.84
CA PHE A 73 16.73 2.30 13.63
C PHE A 73 15.91 2.44 12.34
N ARG A 74 14.66 1.96 12.38
CA ARG A 74 13.79 1.96 11.20
C ARG A 74 13.55 3.37 10.65
N THR A 75 13.75 3.56 9.35
CA THR A 75 13.53 4.87 8.74
C THR A 75 12.78 4.78 7.43
N LEU A 76 12.08 5.85 7.08
CA LEU A 76 11.50 5.97 5.76
C LEU A 76 12.47 6.71 4.85
N MET A 77 12.78 6.11 3.72
CA MET A 77 13.63 6.72 2.70
C MET A 77 13.02 6.50 1.32
N SER A 78 13.64 7.08 0.29
CA SER A 78 13.03 7.02 -1.03
C SER A 78 14.03 7.17 -2.18
N VAL A 79 13.70 6.61 -3.33
CA VAL A 79 14.46 6.71 -4.54
C VAL A 79 13.43 6.90 -5.65
N LYS A 80 13.89 7.04 -6.87
CA LYS A 80 13.01 7.11 -7.99
C LYS A 80 12.48 5.77 -8.41
N VAL A 81 11.26 5.77 -8.92
CA VAL A 81 10.62 4.55 -9.40
C VAL A 81 11.53 3.78 -10.35
N GLY A 82 11.75 2.50 -10.03
CA GLY A 82 12.58 1.65 -10.87
C GLY A 82 13.98 1.41 -10.33
N GLN A 83 14.54 2.41 -9.66
CA GLN A 83 15.86 2.25 -9.06
C GLN A 83 15.75 1.37 -7.83
N SER A 84 16.81 0.63 -7.56
CA SER A 84 16.88 -0.20 -6.38
C SER A 84 16.95 0.72 -5.17
N PRO A 85 16.65 0.19 -3.97
CA PRO A 85 16.80 0.98 -2.74
C PRO A 85 18.26 1.05 -2.30
N ASN A 86 19.09 1.69 -3.11
CA ASN A 86 20.52 1.76 -2.81
C ASN A 86 20.84 2.99 -2.00
N VAL A 87 21.79 2.82 -1.10
CA VAL A 87 22.32 3.91 -0.26
C VAL A 87 22.64 5.17 -1.05
N TYR A 88 23.32 5.00 -2.19
CA TYR A 88 23.89 6.16 -2.87
C TYR A 88 22.92 6.97 -3.71
N GLN A 89 21.72 6.44 -3.92
CA GLN A 89 20.71 7.25 -4.60
C GLN A 89 19.51 7.54 -3.69
N ALA A 90 19.58 7.05 -2.45
CA ALA A 90 18.50 7.20 -1.48
C ALA A 90 18.38 8.60 -0.90
N ARG A 91 17.16 9.06 -0.71
CA ARG A 91 16.87 10.33 -0.06
C ARG A 91 16.25 10.08 1.32
N PHE A 92 16.72 10.76 2.34
CA PHE A 92 16.13 10.57 3.67
C PHE A 92 14.76 11.21 3.75
N GLU A 93 13.83 10.51 4.39
CA GLU A 93 12.48 11.06 4.55
C GLU A 93 12.10 11.32 6.00
N ALA A 94 12.19 10.29 6.83
CA ALA A 94 11.66 10.36 8.18
C ALA A 94 12.10 9.18 9.04
N VAL A 95 12.07 9.38 10.35
CA VAL A 95 12.15 8.28 11.29
C VAL A 95 10.78 7.56 11.37
N ALA A 96 10.75 6.28 11.02
CA ALA A 96 9.46 5.59 10.89
C ALA A 96 9.57 4.07 10.91
N TRP A 97 8.69 3.41 11.65
CA TRP A 97 8.45 1.99 11.43
C TRP A 97 7.09 1.78 10.80
N SER A 98 6.43 2.89 10.49
CA SER A 98 5.25 2.86 9.63
C SER A 98 5.11 4.22 8.97
N ALA A 99 4.72 4.25 7.69
CA ALA A 99 4.76 5.50 6.93
C ALA A 99 3.63 5.69 5.92
N THR A 100 3.34 6.95 5.62
CA THR A 100 2.65 7.31 4.39
C THR A 100 3.39 8.51 3.78
N ALA A 101 3.27 8.68 2.46
CA ALA A 101 3.87 9.84 1.78
C ALA A 101 3.05 10.22 0.56
N CYS A 102 2.98 11.51 0.27
CA CYS A 102 2.32 11.96 -0.95
C CYS A 102 2.72 13.40 -1.26
N HIS A 103 2.49 13.80 -2.51
CA HIS A 103 2.92 15.09 -2.99
C HIS A 103 1.68 15.88 -3.37
N ASP A 104 1.67 17.19 -3.08
CA ASP A 104 0.47 17.98 -3.28
C ASP A 104 0.54 18.85 -4.52
N GLY A 105 1.72 18.87 -5.13
CA GLY A 105 1.93 19.66 -6.33
C GLY A 105 3.01 20.69 -6.12
N LYS A 106 3.21 21.06 -4.86
CA LYS A 106 4.26 21.99 -4.49
C LYS A 106 5.40 21.24 -3.82
N LYS A 107 5.08 20.46 -2.78
CA LYS A 107 6.13 19.74 -2.05
C LYS A 107 5.71 18.33 -1.66
N TRP A 108 6.68 17.52 -1.25
CA TRP A 108 6.38 16.22 -0.66
C TRP A 108 5.97 16.37 0.80
N MET A 109 4.90 15.69 1.17
CA MET A 109 4.53 15.52 2.57
C MET A 109 4.75 14.07 2.93
N THR A 110 5.40 13.82 4.05
CA THR A 110 5.54 12.46 4.50
C THR A 110 5.10 12.42 5.95
N VAL A 111 4.70 11.24 6.38
CA VAL A 111 4.26 11.00 7.74
C VAL A 111 4.95 9.73 8.20
N GLY A 112 5.83 9.84 9.19
CA GLY A 112 6.52 8.70 9.74
C GLY A 112 6.16 8.50 11.21
N VAL A 113 5.85 7.26 11.58
CA VAL A 113 5.50 6.92 12.93
C VAL A 113 6.63 6.17 13.60
N THR A 114 7.01 6.64 14.77
CA THR A 114 8.08 6.01 15.53
C THR A 114 7.79 6.20 17.02
N GLY A 115 8.72 5.80 17.88
CA GLY A 115 8.49 5.85 19.32
C GLY A 115 8.13 4.49 19.92
N PRO A 116 7.68 4.48 21.18
CA PRO A 116 7.28 3.23 21.84
C PRO A 116 5.84 2.84 21.45
N ASP A 117 5.53 1.54 21.46
CA ASP A 117 4.18 1.06 21.11
C ASP A 117 3.06 1.71 21.93
N SER A 118 3.27 1.86 23.23
CA SER A 118 2.24 2.41 24.10
C SER A 118 1.98 3.91 23.91
N LYS A 119 2.93 4.63 23.31
CA LYS A 119 2.85 6.09 23.23
C LYS A 119 3.53 6.59 21.97
N ALA A 120 3.16 6.07 20.80
CA ALA A 120 3.91 6.39 19.59
C ALA A 120 3.59 7.78 19.07
N VAL A 121 4.52 8.36 18.32
CA VAL A 121 4.36 9.67 17.72
C VAL A 121 4.47 9.58 16.21
N ALA A 122 3.64 10.36 15.51
CA ALA A 122 3.68 10.41 14.06
C ALA A 122 4.08 11.81 13.62
N VAL A 123 5.26 11.92 13.02
CA VAL A 123 5.80 13.20 12.62
C VAL A 123 5.44 13.50 11.19
N ILE A 124 4.93 14.70 10.94
CA ILE A 124 4.62 15.14 9.59
C ILE A 124 5.74 16.00 8.99
N HIS A 125 6.36 15.51 7.93
CA HIS A 125 7.33 16.31 7.18
C HIS A 125 6.66 16.98 5.99
N TYR A 126 6.98 18.25 5.81
CA TYR A 126 6.57 18.98 4.62
C TYR A 126 7.79 19.65 3.99
N GLY A 127 8.09 19.26 2.75
CA GLY A 127 9.24 19.81 2.05
C GLY A 127 10.53 19.44 2.76
N GLY A 128 10.54 18.29 3.41
CA GLY A 128 11.73 17.77 4.04
C GLY A 128 12.01 18.23 5.48
N VAL A 129 11.08 18.95 6.11
CA VAL A 129 11.23 19.26 7.53
C VAL A 129 9.96 18.91 8.30
N PRO A 130 10.11 18.51 9.58
CA PRO A 130 8.90 18.28 10.38
C PRO A 130 8.12 19.56 10.51
N THR A 131 6.81 19.47 10.32
CA THR A 131 5.94 20.63 10.42
C THR A 131 4.82 20.38 11.43
N ASP A 132 4.61 19.12 11.80
CA ASP A 132 3.54 18.79 12.74
C ASP A 132 3.63 17.38 13.30
N VAL A 133 2.71 17.07 14.22
CA VAL A 133 2.81 15.88 15.04
C VAL A 133 1.42 15.32 15.39
N ILE A 134 1.30 14.01 15.45
CA ILE A 134 0.17 13.34 16.00
C ILE A 134 0.67 12.35 17.03
N ASN A 135 0.23 12.47 18.27
CA ASN A 135 0.55 11.44 19.27
C ASN A 135 -0.49 10.32 19.25
N SER A 136 -0.06 9.14 19.66
CA SER A 136 -0.93 8.00 19.90
C SER A 136 -2.13 8.41 20.72
N TRP A 137 -3.35 8.23 20.19
CA TRP A 137 -4.58 8.60 20.89
C TRP A 137 -5.28 7.42 21.57
N ALA A 138 -4.75 6.22 21.35
CA ALA A 138 -5.35 5.05 21.95
C ALA A 138 -4.30 4.15 22.58
N GLY A 139 -3.04 4.57 22.53
CA GLY A 139 -1.97 3.87 23.19
C GLY A 139 -1.63 2.46 22.74
N ASP A 140 -1.93 2.13 21.49
CA ASP A 140 -1.71 0.76 21.00
C ASP A 140 -1.22 0.72 19.55
N ILE A 141 0.09 0.88 19.37
CA ILE A 141 0.72 0.91 18.03
C ILE A 141 0.20 1.82 16.92
N LEU A 142 0.05 3.11 17.22
CA LEU A 142 -0.27 4.09 16.18
C LEU A 142 0.48 3.76 14.90
N ARG A 143 -0.24 3.76 13.78
CA ARG A 143 0.28 3.19 12.54
C ARG A 143 -0.57 3.65 11.37
N THR A 144 -0.06 3.47 10.15
CA THR A 144 -0.73 4.02 8.96
C THR A 144 -0.62 3.16 7.69
N GLN A 145 -0.90 3.79 6.55
CA GLN A 145 -1.18 3.09 5.29
C GLN A 145 -0.10 2.17 4.69
N GLU A 146 1.16 2.61 4.69
CA GLU A 146 2.27 1.98 3.96
C GLU A 146 2.03 1.94 2.44
N SER A 147 1.42 3.00 1.93
CA SER A 147 1.13 3.18 0.52
C SER A 147 0.94 4.68 0.37
N SER A 148 0.72 5.15 -0.85
CA SER A 148 0.50 6.59 -1.05
C SER A 148 -0.73 7.16 -0.34
N CYS A 149 -0.54 8.32 0.32
CA CYS A 149 -1.65 9.13 0.79
C CYS A 149 -2.19 9.97 -0.34
N THR A 150 -3.18 10.80 -0.08
CA THR A 150 -3.92 11.37 -1.19
C THR A 150 -4.13 12.87 -1.06
N CYS A 151 -3.77 13.59 -2.11
CA CYS A 151 -3.84 15.05 -2.10
C CYS A 151 -4.82 15.58 -3.13
N ILE A 152 -5.78 16.37 -2.68
CA ILE A 152 -6.73 16.99 -3.60
C ILE A 152 -6.79 18.49 -3.38
N GLN A 153 -6.45 19.25 -4.42
CA GLN A 153 -6.53 20.70 -4.36
C GLN A 153 -5.79 21.37 -3.19
N GLY A 154 -4.72 20.72 -2.72
CA GLY A 154 -3.84 21.35 -1.75
C GLY A 154 -3.92 20.79 -0.35
N ASP A 155 -4.93 19.97 -0.09
CA ASP A 155 -5.06 19.32 1.21
C ASP A 155 -4.79 17.85 1.04
N CYS A 156 -4.03 17.26 1.96
CA CYS A 156 -3.70 15.85 1.85
C CYS A 156 -4.38 15.02 2.93
N TYR A 157 -4.88 13.85 2.53
CA TYR A 157 -5.66 12.99 3.42
C TYR A 157 -4.95 11.67 3.65
N TRP A 158 -5.14 11.09 4.83
CA TRP A 158 -4.68 9.73 5.07
C TRP A 158 -5.41 9.12 6.24
N VAL A 159 -5.12 7.85 6.50
CA VAL A 159 -5.87 7.05 7.46
C VAL A 159 -4.91 6.32 8.37
N MET A 160 -5.20 6.36 9.67
CA MET A 160 -4.35 5.72 10.69
C MET A 160 -5.19 4.84 11.63
N THR A 161 -4.51 3.87 12.23
CA THR A 161 -5.15 2.95 13.16
C THR A 161 -4.39 2.91 14.50
N ASP A 162 -5.10 3.18 15.59
CA ASP A 162 -4.55 3.00 16.92
C ASP A 162 -5.41 1.95 17.61
N GLY A 163 -4.80 0.82 17.98
CA GLY A 163 -5.55 -0.23 18.64
C GLY A 163 -4.92 -1.60 18.48
N PRO A 164 -5.62 -2.64 18.94
CA PRO A 164 -5.15 -4.01 18.69
C PRO A 164 -5.28 -4.44 17.22
N ALA A 165 -4.48 -5.41 16.81
CA ALA A 165 -4.41 -5.80 15.40
C ALA A 165 -5.32 -7.00 15.06
N ASN A 166 -5.83 -7.65 16.10
CA ASN A 166 -6.61 -8.87 15.89
C ASN A 166 -8.04 -8.78 16.43
N ARG A 167 -8.43 -7.61 16.94
CA ARG A 167 -9.81 -7.37 17.37
C ARG A 167 -10.26 -5.96 16.99
N GLN A 168 -11.28 -5.44 17.68
CA GLN A 168 -11.74 -4.09 17.41
C GLN A 168 -10.69 -3.07 17.81
N ALA A 169 -10.45 -2.10 16.92
CA ALA A 169 -9.56 -0.99 17.21
C ALA A 169 -10.21 0.32 16.79
N GLN A 170 -9.41 1.37 16.73
CA GLN A 170 -9.92 2.69 16.37
C GLN A 170 -9.24 3.18 15.08
N TYR A 171 -9.93 4.05 14.37
CA TYR A 171 -9.50 4.44 13.03
C TYR A 171 -9.77 5.92 12.85
N ARG A 172 -8.88 6.62 12.14
CA ARG A 172 -9.05 8.05 11.94
C ARG A 172 -8.64 8.53 10.56
N ILE A 173 -9.28 9.62 10.13
CA ILE A 173 -8.95 10.27 8.87
C ILE A 173 -8.36 11.63 9.19
N TYR A 174 -7.18 11.91 8.65
CA TYR A 174 -6.48 13.16 8.89
C TYR A 174 -6.43 14.03 7.67
N LYS A 175 -6.46 15.34 7.87
CA LYS A 175 -6.40 16.28 6.78
C LYS A 175 -5.38 17.36 7.08
N ALA A 176 -4.32 17.41 6.29
CA ALA A 176 -3.30 18.43 6.47
C ALA A 176 -3.19 19.34 5.26
N ASN A 177 -2.72 20.56 5.50
CA ASN A 177 -2.29 21.42 4.42
C ASN A 177 -0.91 21.95 4.74
N GLN A 178 -0.02 21.85 3.76
CA GLN A 178 1.38 22.23 3.91
C GLN A 178 1.97 21.68 5.21
N GLY A 179 1.56 20.46 5.55
CA GLY A 179 2.13 19.72 6.66
C GLY A 179 1.60 20.13 8.01
N ARG A 180 0.50 20.88 8.03
CA ARG A 180 -0.23 21.16 9.27
C ARG A 180 -1.58 20.44 9.29
N ILE A 181 -1.78 19.57 10.28
CA ILE A 181 -3.12 19.00 10.50
C ILE A 181 -4.15 20.11 10.60
N ILE A 182 -5.21 20.03 9.79
CA ILE A 182 -6.27 21.02 9.84
C ILE A 182 -7.65 20.41 10.05
N GLY A 183 -7.69 19.09 10.20
CA GLY A 183 -8.94 18.38 10.45
C GLY A 183 -8.70 16.92 10.79
N GLN A 184 -9.59 16.34 11.58
CA GLN A 184 -9.53 14.90 11.82
C GLN A 184 -10.92 14.34 12.06
N ALA A 185 -11.06 13.01 11.94
CA ALA A 185 -12.35 12.37 12.15
C ALA A 185 -12.20 10.96 12.68
N ASP A 186 -13.05 10.60 13.64
CA ASP A 186 -13.13 9.24 14.14
C ASP A 186 -14.06 8.44 13.21
N ILE A 187 -13.79 7.14 13.08
CA ILE A 187 -14.53 6.29 12.16
C ILE A 187 -15.33 5.22 12.87
N SER A 188 -16.65 5.37 12.86
CA SER A 188 -17.48 4.36 13.48
C SER A 188 -17.47 3.11 12.61
N PHE A 189 -17.05 1.99 13.18
CA PHE A 189 -16.90 0.74 12.44
C PHE A 189 -16.85 -0.42 13.42
N ASN A 190 -17.87 -0.53 14.27
CA ASN A 190 -18.00 -1.66 15.20
C ASN A 190 -18.26 -2.98 14.47
N GLY A 191 -17.43 -3.98 14.78
CA GLY A 191 -17.46 -5.24 14.04
C GLY A 191 -16.43 -5.27 12.92
N GLY A 192 -16.16 -4.10 12.33
CA GLY A 192 -15.23 -4.00 11.21
C GLY A 192 -13.83 -3.56 11.63
N HIS A 193 -12.85 -3.94 10.82
CA HIS A 193 -11.44 -3.69 11.13
C HIS A 193 -10.68 -3.06 9.95
N ILE A 194 -9.90 -2.01 10.22
CA ILE A 194 -9.21 -1.27 9.17
C ILE A 194 -7.68 -1.15 9.40
N GLU A 195 -6.90 -1.78 8.54
CA GLU A 195 -5.46 -1.63 8.63
C GLU A 195 -4.89 -1.29 7.26
N GLU A 196 -3.77 -0.58 7.26
CA GLU A 196 -2.94 -0.43 6.05
C GLU A 196 -3.72 -0.09 4.77
N CYS A 197 -4.46 1.00 4.76
CA CYS A 197 -5.27 1.37 3.60
C CYS A 197 -4.47 1.67 2.32
N SER A 198 -5.06 1.28 1.18
CA SER A 198 -4.58 1.69 -0.14
C SER A 198 -5.58 2.67 -0.72
N CYS A 199 -5.14 3.89 -1.02
CA CYS A 199 -6.04 4.98 -1.38
C CYS A 199 -5.59 5.67 -2.64
N TYR A 200 -6.52 6.44 -3.23
CA TYR A 200 -6.30 7.18 -4.45
C TYR A 200 -7.45 8.18 -4.57
N PRO A 201 -7.28 9.23 -5.39
CA PRO A 201 -8.40 10.17 -5.56
C PRO A 201 -9.33 9.66 -6.65
N ASN A 202 -10.59 10.08 -6.63
CA ASN A 202 -11.59 9.66 -7.62
C ASN A 202 -12.81 10.54 -7.51
N ASP A 203 -13.06 11.34 -8.54
CA ASP A 203 -14.18 12.28 -8.54
C ASP A 203 -14.15 13.22 -7.34
N GLY A 204 -12.98 13.75 -7.01
CA GLY A 204 -12.86 14.74 -5.96
C GLY A 204 -13.08 14.21 -4.56
N LYS A 205 -12.98 12.89 -4.40
CA LYS A 205 -13.07 12.27 -3.08
C LYS A 205 -11.99 11.23 -2.95
N VAL A 206 -11.67 10.84 -1.73
CA VAL A 206 -10.65 9.83 -1.53
C VAL A 206 -11.28 8.46 -1.30
N GLU A 207 -10.86 7.50 -2.11
CA GLU A 207 -11.35 6.14 -2.00
C GLU A 207 -10.25 5.21 -1.51
N CYS A 208 -10.57 4.40 -0.51
CA CYS A 208 -9.59 3.47 0.06
C CYS A 208 -10.07 2.03 0.04
N VAL A 209 -9.12 1.12 -0.11
CA VAL A 209 -9.38 -0.30 0.05
C VAL A 209 -8.35 -0.81 1.05
N CYS A 210 -8.82 -1.38 2.14
CA CYS A 210 -7.94 -1.55 3.29
C CYS A 210 -7.83 -2.99 3.73
N ARG A 211 -7.30 -3.21 4.93
CA ARG A 211 -7.07 -4.55 5.40
C ARG A 211 -7.81 -4.81 6.70
N ASP A 212 -8.64 -5.85 6.70
CA ASP A 212 -9.32 -6.29 7.90
C ASP A 212 -8.52 -7.44 8.49
N ASN A 213 -7.89 -7.20 9.63
CA ASN A 213 -7.03 -8.20 10.23
C ASN A 213 -7.71 -8.92 11.39
N TRP A 214 -9.01 -8.66 11.54
CA TRP A 214 -9.82 -9.21 12.63
C TRP A 214 -10.59 -10.46 12.19
N THR A 215 -11.61 -10.26 11.35
CA THR A 215 -12.43 -11.38 10.95
C THR A 215 -12.79 -11.53 9.44
N GLY A 216 -12.61 -10.47 8.65
CA GLY A 216 -13.10 -10.45 7.28
C GLY A 216 -12.11 -10.75 6.15
N THR A 217 -12.51 -11.65 5.24
CA THR A 217 -11.66 -12.02 4.10
C THR A 217 -11.94 -11.13 2.89
N ASN A 218 -12.94 -10.26 3.03
CA ASN A 218 -13.16 -9.17 2.10
C ASN A 218 -12.46 -7.93 2.62
N ARG A 219 -12.31 -6.94 1.75
CA ARG A 219 -11.55 -5.76 2.10
C ARG A 219 -12.49 -4.65 2.48
N PRO A 220 -12.19 -3.99 3.60
CA PRO A 220 -13.01 -2.84 3.97
C PRO A 220 -12.75 -1.72 2.99
N VAL A 221 -13.77 -0.90 2.77
CA VAL A 221 -13.70 0.19 1.82
C VAL A 221 -14.22 1.44 2.50
N LEU A 222 -13.56 2.58 2.27
CA LEU A 222 -14.14 3.86 2.69
C LEU A 222 -13.97 4.95 1.63
N VAL A 223 -14.86 5.94 1.69
CA VAL A 223 -14.87 7.03 0.73
C VAL A 223 -14.95 8.36 1.48
N ILE A 224 -13.91 9.18 1.35
CA ILE A 224 -13.81 10.39 2.14
C ILE A 224 -14.02 11.66 1.32
N SER A 225 -14.74 12.61 1.91
CA SER A 225 -15.04 13.88 1.27
C SER A 225 -14.16 14.91 1.92
N PRO A 226 -13.91 16.02 1.21
CA PRO A 226 -13.04 17.08 1.75
C PRO A 226 -13.47 17.67 3.10
N ASP A 227 -14.73 17.46 3.49
CA ASP A 227 -15.22 17.94 4.77
C ASP A 227 -15.05 16.86 5.84
N LEU A 228 -14.30 15.82 5.47
CA LEU A 228 -14.03 14.69 6.36
C LEU A 228 -15.28 13.91 6.78
N SER A 229 -16.41 14.18 6.15
CA SER A 229 -17.55 13.29 6.26
C SER A 229 -17.23 12.11 5.37
N TYR A 230 -17.64 10.92 5.79
CA TYR A 230 -17.16 9.72 5.13
C TYR A 230 -18.27 8.68 5.00
N ARG A 231 -18.02 7.70 4.14
CA ARG A 231 -18.83 6.50 4.12
C ARG A 231 -17.87 5.33 4.26
N VAL A 232 -18.28 4.26 4.91
CA VAL A 232 -17.37 3.17 5.21
C VAL A 232 -18.15 1.88 5.11
N GLY A 233 -17.45 0.76 4.95
CA GLY A 233 -18.08 -0.52 4.70
C GLY A 233 -17.11 -1.47 4.03
N TYR A 234 -17.62 -2.41 3.23
CA TYR A 234 -16.75 -3.33 2.52
C TYR A 234 -16.95 -3.31 1.01
N LEU A 235 -15.94 -3.78 0.30
CA LEU A 235 -16.02 -3.96 -1.15
C LEU A 235 -17.14 -4.99 -1.41
N CYS A 236 -18.16 -4.57 -2.15
CA CYS A 236 -19.39 -5.36 -2.25
C CYS A 236 -19.15 -6.74 -2.84
N ALA A 237 -18.29 -6.81 -3.85
CA ALA A 237 -18.10 -8.02 -4.67
C ALA A 237 -18.10 -9.34 -3.91
N GLY A 238 -18.81 -10.32 -4.45
CA GLY A 238 -18.90 -11.62 -3.82
C GLY A 238 -17.65 -12.46 -3.94
N ILE A 239 -16.52 -11.80 -4.13
CA ILE A 239 -15.23 -12.48 -4.24
C ILE A 239 -14.22 -11.90 -3.25
N PRO A 240 -13.63 -12.77 -2.41
CA PRO A 240 -12.66 -12.38 -1.37
C PRO A 240 -11.27 -12.04 -1.93
N SER A 241 -10.67 -10.93 -1.49
CA SER A 241 -9.37 -10.54 -2.04
C SER A 241 -8.28 -10.34 -1.01
N ASP A 242 -8.40 -11.06 0.11
CA ASP A 242 -7.42 -10.98 1.19
C ASP A 242 -6.67 -12.30 1.28
N THR A 243 -5.58 -12.34 2.04
CA THR A 243 -4.86 -13.60 2.25
C THR A 243 -4.48 -13.67 3.73
N PRO A 244 -4.93 -14.74 4.43
CA PRO A 244 -5.66 -15.89 3.87
C PRO A 244 -7.14 -15.63 3.65
N ARG A 245 -7.73 -16.46 2.80
CA ARG A 245 -9.14 -16.34 2.45
C ARG A 245 -9.61 -17.74 2.09
N GLY A 246 -10.91 -17.86 1.80
CA GLY A 246 -11.48 -19.14 1.43
C GLY A 246 -11.62 -19.19 -0.08
N GLU A 247 -12.51 -20.05 -0.57
CA GLU A 247 -12.69 -20.20 -2.01
C GLU A 247 -13.80 -19.33 -2.53
N ASP A 248 -13.73 -19.00 -3.82
CA ASP A 248 -14.71 -18.10 -4.42
C ASP A 248 -16.12 -18.70 -4.38
N ALA A 249 -16.19 -20.01 -4.58
CA ALA A 249 -17.46 -20.73 -4.58
C ALA A 249 -18.15 -20.71 -3.21
N GLN A 250 -17.35 -20.74 -2.15
CA GLN A 250 -17.91 -20.77 -0.79
C GLN A 250 -17.93 -19.41 -0.11
N PHE A 251 -18.21 -18.36 -0.87
CA PHE A 251 -18.13 -17.00 -0.34
C PHE A 251 -19.31 -16.16 -0.79
N THR A 252 -19.92 -15.47 0.16
CA THR A 252 -21.04 -14.58 -0.13
C THR A 252 -20.61 -13.16 0.18
N GLY A 253 -20.81 -12.27 -0.78
CA GLY A 253 -20.32 -10.91 -0.61
C GLY A 253 -21.13 -10.11 0.39
N SER A 254 -20.67 -8.91 0.68
CA SER A 254 -21.41 -7.96 1.49
C SER A 254 -20.82 -6.58 1.24
N CYS A 255 -21.68 -5.57 1.26
CA CYS A 255 -21.23 -4.19 1.14
C CYS A 255 -21.02 -3.54 2.51
N THR A 256 -21.33 -4.28 3.57
CA THR A 256 -21.43 -3.69 4.91
C THR A 256 -20.64 -4.44 5.98
N SER A 257 -20.31 -5.70 5.73
CA SER A 257 -19.90 -6.56 6.82
C SER A 257 -18.77 -7.49 6.45
N PRO A 258 -17.87 -7.73 7.39
CA PRO A 258 -16.83 -8.73 7.15
C PRO A 258 -17.44 -10.10 6.93
N MET A 259 -16.79 -10.89 6.09
CA MET A 259 -17.26 -12.23 5.75
C MET A 259 -16.02 -13.09 5.55
N GLY A 260 -16.11 -14.37 5.83
CA GLY A 260 -14.97 -15.25 5.63
C GLY A 260 -14.48 -15.85 6.92
N ASN A 261 -14.71 -15.13 8.02
CA ASN A 261 -14.38 -15.63 9.35
C ASN A 261 -12.99 -16.24 9.44
N GLN A 262 -12.00 -15.42 9.09
CA GLN A 262 -10.60 -15.82 9.16
C GLN A 262 -9.80 -14.63 9.68
N GLY A 263 -8.77 -14.92 10.45
CA GLY A 263 -8.10 -13.90 11.22
C GLY A 263 -7.17 -12.92 10.54
N TYR A 264 -6.09 -13.45 9.98
CA TYR A 264 -4.94 -12.69 9.48
C TYR A 264 -5.29 -11.96 8.18
N GLY A 265 -4.36 -11.18 7.64
CA GLY A 265 -4.58 -10.47 6.41
C GLY A 265 -3.34 -10.17 5.58
N VAL A 266 -3.47 -9.21 4.67
CA VAL A 266 -2.35 -8.67 3.91
C VAL A 266 -2.81 -7.37 3.28
N LYS A 267 -1.87 -6.46 3.07
CA LYS A 267 -2.17 -5.22 2.36
C LYS A 267 -2.41 -5.50 0.87
N GLY A 268 -3.42 -4.84 0.34
CA GLY A 268 -3.92 -5.07 -0.99
C GLY A 268 -4.66 -3.83 -1.44
N PHE A 269 -5.31 -3.89 -2.59
CA PHE A 269 -5.82 -2.67 -3.19
C PHE A 269 -6.99 -2.98 -4.11
N GLY A 270 -7.66 -1.93 -4.56
CA GLY A 270 -8.74 -2.04 -5.50
C GLY A 270 -9.08 -0.70 -6.12
N PHE A 271 -9.52 -0.73 -7.37
CA PHE A 271 -9.94 0.49 -8.04
C PHE A 271 -11.38 0.42 -8.48
N ARG A 272 -12.14 1.44 -8.09
CA ARG A 272 -13.47 1.65 -8.65
C ARG A 272 -13.42 1.93 -10.17
N GLN A 273 -14.28 1.22 -10.91
CA GLN A 273 -14.47 1.48 -12.34
C GLN A 273 -15.96 1.68 -12.59
N GLY A 274 -16.40 2.94 -12.52
CA GLY A 274 -17.83 3.20 -12.52
C GLY A 274 -18.44 2.45 -11.35
N THR A 275 -19.09 1.32 -11.63
CA THR A 275 -19.62 0.45 -10.58
C THR A 275 -18.87 -0.88 -10.54
N ASP A 276 -17.96 -1.07 -11.50
CA ASP A 276 -17.08 -2.24 -11.52
C ASP A 276 -15.92 -2.04 -10.53
N VAL A 277 -15.15 -3.09 -10.27
CA VAL A 277 -13.87 -2.93 -9.58
C VAL A 277 -12.76 -3.84 -10.06
N TRP A 278 -11.57 -3.26 -10.15
CA TRP A 278 -10.34 -4.02 -10.27
C TRP A 278 -9.86 -4.33 -8.87
N MET A 279 -9.94 -5.60 -8.50
CA MET A 279 -9.44 -6.00 -7.20
C MET A 279 -8.21 -6.84 -7.45
N GLY A 280 -7.15 -6.61 -6.69
CA GLY A 280 -5.97 -7.43 -6.78
C GLY A 280 -5.98 -8.43 -5.64
N ARG A 281 -5.14 -9.46 -5.77
CA ARG A 281 -4.96 -10.45 -4.71
C ARG A 281 -3.81 -11.34 -5.05
N THR A 282 -3.37 -12.13 -4.07
CA THR A 282 -2.36 -13.15 -4.29
C THR A 282 -3.07 -14.34 -4.93
N ILE A 283 -2.31 -15.20 -5.61
CA ILE A 283 -2.95 -16.34 -6.26
C ILE A 283 -3.34 -17.40 -5.25
N SER A 284 -2.42 -17.72 -4.34
CA SER A 284 -2.71 -18.64 -3.25
C SER A 284 -3.75 -18.07 -2.29
N ARG A 285 -4.68 -18.92 -1.86
CA ARG A 285 -5.71 -18.53 -0.91
C ARG A 285 -5.15 -18.40 0.51
N THR A 286 -3.92 -18.89 0.72
CA THR A 286 -3.37 -18.97 2.07
C THR A 286 -1.98 -18.34 2.21
N SER A 287 -1.22 -18.34 1.13
CA SER A 287 0.15 -17.84 1.18
C SER A 287 0.37 -16.60 0.31
N ARG A 288 1.42 -15.85 0.65
CA ARG A 288 1.77 -14.67 -0.12
C ARG A 288 2.65 -15.08 -1.29
N SER A 289 2.03 -15.76 -2.23
CA SER A 289 2.69 -16.16 -3.48
C SER A 289 1.78 -15.82 -4.65
N GLY A 290 2.39 -15.49 -5.77
CA GLY A 290 1.67 -15.12 -6.97
C GLY A 290 0.89 -13.83 -6.79
N PHE A 291 0.56 -13.17 -7.89
CA PHE A 291 -0.31 -12.00 -7.82
C PHE A 291 -1.10 -11.81 -9.10
N GLU A 292 -2.38 -11.53 -8.96
CA GLU A 292 -3.27 -11.37 -10.09
C GLU A 292 -4.25 -10.26 -9.79
N ILE A 293 -4.95 -9.80 -10.83
CA ILE A 293 -5.92 -8.73 -10.67
C ILE A 293 -7.18 -9.02 -11.50
N LEU A 294 -8.31 -9.06 -10.81
CA LEU A 294 -9.59 -9.40 -11.42
C LEU A 294 -10.44 -8.15 -11.58
N ARG A 295 -11.20 -8.08 -12.66
CA ARG A 295 -12.21 -7.04 -12.80
C ARG A 295 -13.58 -7.69 -12.69
N ILE A 296 -14.35 -7.23 -11.71
CA ILE A 296 -15.68 -7.77 -11.45
C ILE A 296 -16.70 -6.72 -11.82
N LYS A 297 -17.65 -7.09 -12.66
CA LYS A 297 -18.64 -6.14 -13.13
C LYS A 297 -19.55 -5.82 -11.95
N ASN A 298 -19.92 -4.56 -11.80
CA ASN A 298 -20.74 -4.13 -10.66
C ASN A 298 -20.19 -4.56 -9.29
N GLY A 299 -18.87 -4.59 -9.15
CA GLY A 299 -18.26 -5.17 -7.96
C GLY A 299 -18.17 -4.18 -6.82
N TRP A 300 -18.08 -2.90 -7.16
CA TRP A 300 -17.98 -1.83 -6.18
C TRP A 300 -19.31 -1.63 -5.50
N THR A 301 -20.38 -2.00 -6.18
CA THR A 301 -21.74 -1.69 -5.73
C THR A 301 -22.69 -2.89 -5.53
N GLN A 302 -22.28 -4.10 -5.90
CA GLN A 302 -23.14 -5.26 -5.68
C GLN A 302 -22.30 -6.47 -5.30
N THR A 303 -22.96 -7.52 -4.82
CA THR A 303 -22.26 -8.75 -4.48
C THR A 303 -21.95 -9.60 -5.71
N SER A 304 -21.55 -8.93 -6.78
CA SER A 304 -21.24 -9.58 -8.05
C SER A 304 -20.04 -10.50 -8.00
N LYS A 305 -20.13 -11.61 -8.71
CA LYS A 305 -18.98 -12.47 -8.90
C LYS A 305 -18.73 -12.67 -10.39
N GLU A 306 -19.14 -11.67 -11.16
CA GLU A 306 -18.96 -11.68 -12.60
C GLU A 306 -17.58 -11.13 -13.00
N GLN A 307 -16.69 -12.05 -13.37
CA GLN A 307 -15.34 -11.70 -13.80
C GLN A 307 -15.30 -11.37 -15.30
N VAL A 308 -14.98 -10.11 -15.58
CA VAL A 308 -14.84 -9.63 -16.95
C VAL A 308 -13.40 -9.77 -17.42
N ARG A 309 -12.45 -9.62 -16.50
CA ARG A 309 -11.03 -9.77 -16.87
C ARG A 309 -10.18 -10.28 -15.72
N LYS A 310 -9.14 -11.03 -16.07
CA LYS A 310 -8.17 -11.54 -15.11
C LYS A 310 -6.78 -11.46 -15.72
N GLN A 311 -5.87 -10.82 -15.01
CA GLN A 311 -4.50 -10.64 -15.46
C GLN A 311 -3.50 -11.03 -14.39
N VAL A 312 -2.63 -11.99 -14.73
CA VAL A 312 -1.55 -12.42 -13.83
C VAL A 312 -0.27 -11.59 -14.04
N VAL A 313 0.35 -11.19 -12.94
CA VAL A 313 1.57 -10.38 -12.99
C VAL A 313 2.75 -11.05 -12.26
N VAL A 314 2.45 -11.82 -11.23
CA VAL A 314 3.43 -12.67 -10.57
C VAL A 314 2.86 -14.07 -10.51
N ASP A 315 3.55 -15.06 -11.07
CA ASP A 315 3.00 -16.42 -11.13
C ASP A 315 3.05 -17.12 -9.78
N ASN A 316 2.22 -18.15 -9.60
CA ASN A 316 2.04 -18.75 -8.28
C ASN A 316 3.17 -19.68 -7.88
N LEU A 317 4.25 -19.67 -8.65
CA LEU A 317 5.47 -20.33 -8.22
C LEU A 317 6.37 -19.33 -7.52
N ASN A 318 6.00 -18.05 -7.56
CA ASN A 318 6.88 -17.01 -7.00
C ASN A 318 6.24 -16.17 -5.90
N TRP A 319 7.10 -15.65 -5.03
CA TRP A 319 6.67 -14.90 -3.85
C TRP A 319 6.14 -13.52 -4.16
N SER A 320 5.00 -13.22 -3.56
CA SER A 320 4.47 -11.88 -3.64
C SER A 320 4.51 -11.24 -2.26
N GLY A 321 3.40 -10.63 -1.86
CA GLY A 321 3.36 -9.84 -0.65
C GLY A 321 2.42 -8.65 -0.79
N TYR A 322 2.75 -7.59 -0.06
CA TYR A 322 1.94 -6.38 -0.02
C TYR A 322 1.72 -5.81 -1.39
N SER A 323 0.72 -4.95 -1.53
CA SER A 323 0.49 -4.25 -2.77
C SER A 323 -0.35 -3.03 -2.48
N GLY A 324 -0.21 -1.98 -3.29
CA GLY A 324 -0.95 -0.76 -3.01
C GLY A 324 -1.24 0.08 -4.23
N SER A 325 -2.04 1.12 -4.03
CA SER A 325 -2.55 1.93 -5.12
C SER A 325 -1.95 3.32 -5.17
N PHE A 326 -1.82 3.84 -6.38
CA PHE A 326 -1.49 5.25 -6.57
C PHE A 326 -1.93 5.68 -7.97
N THR A 327 -2.01 6.98 -8.19
CA THR A 327 -2.38 7.51 -9.50
C THR A 327 -1.25 8.30 -10.15
N LEU A 328 -1.28 8.36 -11.48
CA LEU A 328 -0.42 9.28 -12.19
C LEU A 328 -1.08 10.64 -12.22
N PRO A 329 -0.38 11.66 -11.74
CA PRO A 329 -0.92 13.01 -11.86
C PRO A 329 -1.15 13.34 -13.34
N VAL A 330 -2.22 14.07 -13.61
CA VAL A 330 -2.56 14.48 -14.97
C VAL A 330 -1.35 15.13 -15.65
N GLU A 331 -0.60 15.91 -14.86
CA GLU A 331 0.56 16.63 -15.36
C GLU A 331 1.64 15.71 -15.92
N LEU A 332 1.54 14.41 -15.69
CA LEU A 332 2.55 13.47 -16.19
C LEU A 332 2.04 12.61 -17.32
N SER A 333 0.78 12.18 -17.20
CA SER A 333 0.23 11.24 -18.18
C SER A 333 -0.32 11.95 -19.40
N GLY A 334 -0.79 13.18 -19.22
CA GLY A 334 -1.41 13.91 -20.30
C GLY A 334 -2.90 13.60 -20.50
N LYS A 335 -3.35 12.49 -19.91
CA LYS A 335 -4.77 12.13 -19.95
C LYS A 335 -5.61 13.18 -19.23
N ASP A 336 -6.90 13.23 -19.52
CA ASP A 336 -7.80 14.15 -18.83
C ASP A 336 -8.31 13.49 -17.56
N CYS A 337 -7.85 12.28 -17.30
CA CYS A 337 -8.30 11.51 -16.15
C CYS A 337 -7.13 10.93 -15.36
N LEU A 338 -7.44 10.42 -14.18
CA LEU A 338 -6.44 9.89 -13.27
C LEU A 338 -6.10 8.43 -13.55
N VAL A 339 -4.89 8.20 -14.05
CA VAL A 339 -4.48 6.86 -14.43
C VAL A 339 -4.15 6.01 -13.21
N PRO A 340 -4.89 4.92 -13.01
CA PRO A 340 -4.69 4.08 -11.82
C PRO A 340 -3.46 3.18 -11.96
N CYS A 341 -2.60 3.19 -10.94
CA CYS A 341 -1.44 2.33 -10.94
C CYS A 341 -1.31 1.60 -9.60
N PHE A 342 -0.57 0.50 -9.59
CA PHE A 342 -0.33 -0.24 -8.36
C PHE A 342 1.06 -0.84 -8.35
N TRP A 343 1.54 -1.19 -7.16
CA TRP A 343 2.84 -1.81 -7.04
C TRP A 343 2.63 -3.09 -6.27
N VAL A 344 3.46 -4.08 -6.52
CA VAL A 344 3.40 -5.34 -5.80
C VAL A 344 4.76 -5.60 -5.18
N GLU A 345 4.76 -5.83 -3.87
CA GLU A 345 5.98 -6.09 -3.13
C GLU A 345 6.29 -7.58 -3.18
N MET A 346 7.54 -7.93 -3.47
CA MET A 346 7.91 -9.35 -3.52
C MET A 346 8.92 -9.69 -2.44
N ILE A 347 8.44 -10.39 -1.41
CA ILE A 347 9.24 -10.66 -0.24
C ILE A 347 10.10 -11.91 -0.40
N ARG A 348 11.38 -11.77 -0.07
CA ARG A 348 12.32 -12.89 -0.11
C ARG A 348 12.96 -13.08 1.26
N GLY A 349 13.18 -14.34 1.65
CA GLY A 349 13.76 -14.65 2.94
C GLY A 349 12.74 -15.12 3.97
N LYS A 350 13.02 -14.87 5.24
CA LYS A 350 12.10 -15.19 6.34
C LYS A 350 10.74 -14.54 6.07
N PRO A 351 9.64 -15.24 6.36
CA PRO A 351 9.52 -16.57 6.99
C PRO A 351 9.72 -17.78 6.08
N GLU A 352 9.39 -17.68 4.79
CA GLU A 352 9.39 -18.87 3.93
C GLU A 352 10.75 -19.44 3.50
N GLU A 353 11.83 -18.66 3.60
CA GLU A 353 13.13 -19.12 3.10
C GLU A 353 14.26 -19.11 4.13
N LYS A 354 15.23 -19.99 3.94
CA LYS A 354 16.31 -20.19 4.93
C LYS A 354 17.43 -19.14 4.89
N THR A 355 17.11 -17.90 5.23
CA THR A 355 18.08 -16.82 5.30
C THR A 355 17.98 -16.19 6.67
N ILE A 356 18.99 -15.42 7.06
CA ILE A 356 18.93 -14.71 8.34
C ILE A 356 18.24 -13.37 8.17
N TRP A 357 17.77 -13.10 6.95
CA TRP A 357 17.31 -11.76 6.60
C TRP A 357 16.01 -11.79 5.83
N THR A 358 15.38 -10.62 5.73
CA THR A 358 14.18 -10.46 4.92
C THR A 358 14.21 -9.11 4.22
N SER A 359 13.88 -9.11 2.93
CA SER A 359 13.70 -7.88 2.20
C SER A 359 12.71 -8.12 1.06
N SER A 360 12.58 -7.16 0.16
CA SER A 360 11.65 -7.29 -0.95
C SER A 360 12.06 -6.43 -2.13
N SER A 361 11.78 -6.90 -3.34
CA SER A 361 11.92 -6.01 -4.49
C SER A 361 10.54 -5.59 -4.89
N SER A 362 10.39 -5.06 -6.09
CA SER A 362 9.09 -4.54 -6.47
C SER A 362 8.88 -4.47 -7.96
N ILE A 363 7.61 -4.50 -8.34
CA ILE A 363 7.15 -4.27 -9.70
C ILE A 363 5.96 -3.32 -9.73
N VAL A 364 5.95 -2.41 -10.70
CA VAL A 364 4.95 -1.35 -10.78
C VAL A 364 4.17 -1.41 -12.12
N MET A 365 2.85 -1.27 -12.03
CA MET A 365 1.95 -1.38 -13.19
C MET A 365 0.98 -0.22 -13.28
N CYS A 366 0.59 0.15 -14.49
CA CYS A 366 -0.35 1.27 -14.68
C CYS A 366 -1.42 0.93 -15.68
N GLY A 367 -2.61 1.43 -15.41
CA GLY A 367 -3.77 1.18 -16.24
C GLY A 367 -3.56 1.62 -17.68
N VAL A 368 -3.89 0.73 -18.60
CA VAL A 368 -3.83 1.05 -20.01
C VAL A 368 -5.18 0.74 -20.63
N ASP A 369 -5.34 1.10 -21.90
CA ASP A 369 -6.64 0.95 -22.56
C ASP A 369 -6.74 -0.37 -23.29
N TYR A 370 -5.86 -1.31 -22.98
CA TYR A 370 -5.79 -2.57 -23.71
C TYR A 370 -5.63 -3.71 -22.74
N GLU A 371 -5.83 -4.92 -23.25
CA GLU A 371 -5.59 -6.10 -22.45
C GLU A 371 -4.12 -6.40 -22.49
N ILE A 372 -3.56 -6.76 -21.35
CA ILE A 372 -2.17 -7.15 -21.33
C ILE A 372 -2.06 -8.65 -21.02
N ALA A 373 -1.26 -9.35 -21.80
CA ALA A 373 -1.03 -10.77 -21.58
C ALA A 373 -0.51 -11.04 -20.17
N ASP A 374 -0.85 -12.22 -19.66
CA ASP A 374 -0.33 -12.66 -18.38
C ASP A 374 1.17 -12.89 -18.49
N TRP A 375 1.92 -12.51 -17.46
CA TRP A 375 3.30 -12.94 -17.33
C TRP A 375 3.70 -12.94 -15.86
N SER A 376 4.95 -13.23 -15.60
CA SER A 376 5.45 -13.23 -14.23
C SER A 376 6.75 -12.43 -14.11
N TRP A 377 6.63 -11.16 -13.70
CA TRP A 377 7.80 -10.34 -13.45
C TRP A 377 8.26 -10.54 -12.02
N HIS A 378 8.66 -11.77 -11.70
CA HIS A 378 8.94 -12.11 -10.31
C HIS A 378 10.31 -11.61 -9.85
N ASP A 379 10.63 -11.84 -8.58
CA ASP A 379 11.80 -11.22 -7.96
C ASP A 379 13.13 -11.49 -8.65
N GLY A 380 13.50 -12.77 -8.74
CA GLY A 380 14.69 -13.15 -9.48
C GLY A 380 15.92 -13.53 -8.66
N ALA A 381 15.97 -13.09 -7.42
CA ALA A 381 17.16 -13.34 -6.62
C ALA A 381 17.34 -14.83 -6.35
N ILE A 382 18.62 -15.24 -6.27
CA ILE A 382 18.97 -16.63 -6.07
C ILE A 382 19.42 -16.85 -4.63
N LEU A 383 18.52 -17.37 -3.82
CA LEU A 383 18.76 -17.51 -2.38
C LEU A 383 19.34 -18.88 -2.01
N PRO A 384 20.11 -18.95 -0.92
CA PRO A 384 20.46 -17.85 -0.01
C PRO A 384 21.72 -17.07 -0.44
N PHE A 385 22.07 -16.03 0.32
CA PHE A 385 23.23 -15.19 0.01
C PHE A 385 24.45 -15.54 0.86
N ASP A 386 25.60 -14.95 0.52
CA ASP A 386 26.87 -15.20 1.22
C ASP A 386 26.71 -15.08 2.73
N ILE A 387 25.97 -14.07 3.16
CA ILE A 387 25.78 -13.77 4.57
C ILE A 387 25.17 -14.96 5.31
N ASP A 388 24.43 -15.78 4.59
CA ASP A 388 23.64 -16.84 5.20
C ASP A 388 24.50 -18.03 5.61
N LYS A 389 25.70 -18.11 5.04
CA LYS A 389 26.70 -19.07 5.49
C LYS A 389 27.23 -18.69 6.87
CAB 1SN B . 0.30 -3.66 13.77
CAL 1SN B . -0.91 -3.92 12.85
CAX 1SN B . -0.48 -4.82 11.71
CAM 1SN B . -0.98 -4.27 10.36
CAC 1SN B . -2.13 -5.16 9.87
OAR 1SN B . 0.94 -5.00 11.79
CAZ 1SN B . 1.59 -5.16 10.53
CBA 1SN B . 3.00 -4.61 10.71
NAQ 1SN B . 2.89 -3.22 11.12
CAS 1SN B . 3.62 -2.70 12.12
CAD 1SN B . 3.35 -1.22 12.40
OAE 1SN B . 4.44 -3.33 12.78
CAN 1SN B . 1.65 -6.65 10.22
CAU 1SN B . 2.57 -6.89 9.02
CAT 1SN B . 2.24 -7.97 7.99
OAG 1SN B . 3.19 -8.65 7.53
OAF 1SN B . 1.04 -8.09 7.66
CAI 1SN B . 3.69 -6.10 8.80
CAY 1SN B . 3.82 -4.70 9.42
NBB 1SN B . 5.23 -4.50 9.73
CAJ 1SN B . 5.79 -3.31 9.89
NAP 1SN B . 6.05 -5.41 9.89
NAO 1SN B . 7.16 -4.95 10.13
CAV 1SN B . 7.04 -3.63 10.15
CAW 1SN B . 8.16 -2.60 10.40
CAK 1SN B . 8.91 -2.32 9.10
CAA 1SN B . 9.51 -3.60 8.54
OAH 1SN B . 7.59 -1.39 10.91
CA CA C . -8.18 -10.69 6.91
#